data_9JXM
#
_entry.id   9JXM
#
_cell.length_a   1.00
_cell.length_b   1.00
_cell.length_c   1.00
_cell.angle_alpha   90.00
_cell.angle_beta   90.00
_cell.angle_gamma   90.00
#
_symmetry.space_group_name_H-M   'P 1'
#
loop_
_entity.id
_entity.type
_entity.pdbx_description
1 polymer 'Solute carrier family 53 member 1'
2 non-polymer 'PHOSPHATE ION'
#
_entity_poly.entity_id   1
_entity_poly.type   'polypeptide(L)'
_entity_poly.pdbx_seq_one_letter_code
;MKFAEHLSAHITPEWRKQYIQYEAFKDMLYSAQDQAPSVEVTDEDTVKRYFAKFEEKFFQTCEKELAKINTFYSEKLAEA
QRRFATLQNELQSSLDAQKESTGVTTLRQRRKPVFHLSHEERVQHRNIKDLKLAFSEFYLSLILLQNYQNLNFTGFRKIL
KKHDKILETSRGADWRVAHVEVAPFYTCKKINQLISETEAVVTNELEDGDRQKAMKRLRVPPLGAAQPAPAWTTFRVGLF
CGIFIVLNITLVLAAVFKLETDRSIWPLIRIYRGGFLLIEFLFLLGINTYGWRQAGVNHVLIFELNPRSNLSHQHLFEIA
GFLGILWCLSLLACFFAPISVIPTYVYPLALYGFMVFFLINPTKTFYYKSRFWLLKLLFRVFTAPFHKVGFADFWLADQL
NSLSVILMDLEYMICFYSLELKWDESKGLLPNNSEESGICHKYTYGVRAIVQCIPAWLRFIQCLRRYRDTKRAFPHLVNA
GKYSTTFFMVTFAALYSTHKERGHSDTMVFFYLWIVFYIISSCYTLIWDLKMDWGLFDKNAGENTFLREEIVYPQKAYYY
CAIIEDVILRFAWTIQISITSTTLLPHSGDIIATVFAPLEVFRRFVWNFFRLENEHLNNCGEFRAVRDISVA
;
_entity_poly.pdbx_strand_id   B
#
loop_
_chem_comp.id
_chem_comp.type
_chem_comp.name
_chem_comp.formula
PO4 non-polymer 'PHOSPHATE ION' 'O4 P -3'
#
# COMPACT_ATOMS: atom_id res chain seq x y z
N MET A 1 -20.94 -6.66 -19.63
CA MET A 1 -19.57 -6.95 -20.03
C MET A 1 -19.20 -8.37 -19.66
N LYS A 2 -18.60 -9.11 -20.60
CA LYS A 2 -18.24 -10.49 -20.35
C LYS A 2 -16.74 -10.72 -20.38
N PHE A 3 -16.05 -10.39 -21.47
CA PHE A 3 -14.65 -10.77 -21.59
C PHE A 3 -13.67 -9.62 -21.53
N ALA A 4 -14.07 -8.39 -21.85
CA ALA A 4 -13.15 -7.27 -21.67
C ALA A 4 -12.78 -7.10 -20.21
N GLU A 5 -13.79 -7.08 -19.34
CA GLU A 5 -13.53 -6.98 -17.91
C GLU A 5 -12.89 -8.25 -17.36
N HIS A 6 -13.32 -9.41 -17.87
CA HIS A 6 -12.72 -10.67 -17.44
C HIS A 6 -11.24 -10.71 -17.76
N LEU A 7 -10.85 -10.11 -18.88
CA LEU A 7 -9.44 -10.08 -19.26
C LEU A 7 -8.67 -9.05 -18.45
N SER A 8 -9.23 -7.85 -18.29
CA SER A 8 -8.54 -6.83 -17.51
C SER A 8 -8.44 -7.19 -16.03
N ALA A 9 -9.26 -8.13 -15.56
CA ALA A 9 -9.20 -8.55 -14.16
C ALA A 9 -8.33 -9.77 -13.92
N HIS A 10 -8.28 -10.70 -14.87
CA HIS A 10 -7.49 -11.92 -14.71
C HIS A 10 -6.12 -11.83 -15.36
N ILE A 11 -5.67 -10.64 -15.70
CA ILE A 11 -4.40 -10.47 -16.37
C ILE A 11 -3.31 -10.28 -15.32
N THR A 12 -2.14 -10.84 -15.60
CA THR A 12 -1.00 -10.62 -14.74
C THR A 12 -0.55 -9.17 -14.87
N PRO A 13 -0.41 -8.44 -13.76
CA PRO A 13 -0.12 -7.00 -13.87
C PRO A 13 1.16 -6.68 -14.60
N GLU A 14 2.24 -7.41 -14.33
CA GLU A 14 3.53 -7.09 -14.90
C GLU A 14 3.68 -7.51 -16.36
N TRP A 15 2.73 -8.28 -16.89
CA TRP A 15 2.79 -8.73 -18.28
C TRP A 15 1.67 -8.12 -19.11
N ARG A 16 1.25 -6.90 -18.77
CA ARG A 16 0.07 -6.31 -19.41
C ARG A 16 0.30 -6.08 -20.90
N LYS A 17 1.51 -5.73 -21.29
CA LYS A 17 1.78 -5.45 -22.70
C LYS A 17 1.89 -6.71 -23.53
N GLN A 18 2.13 -7.86 -22.91
CA GLN A 18 2.31 -9.11 -23.65
C GLN A 18 1.00 -9.88 -23.83
N TYR A 19 -0.13 -9.24 -23.67
CA TYR A 19 -1.41 -9.92 -23.78
C TYR A 19 -2.07 -9.61 -25.13
N ILE A 20 -3.32 -10.03 -25.28
CA ILE A 20 -3.95 -10.08 -26.59
C ILE A 20 -4.40 -8.71 -27.10
N GLN A 21 -4.61 -7.73 -26.21
CA GLN A 21 -5.14 -6.42 -26.58
C GLN A 21 -6.55 -6.57 -27.21
N TYR A 22 -7.47 -7.05 -26.37
CA TYR A 22 -8.84 -7.24 -26.82
C TYR A 22 -9.51 -5.91 -27.17
N GLU A 23 -9.21 -4.86 -26.38
CA GLU A 23 -9.91 -3.59 -26.55
C GLU A 23 -9.59 -2.93 -27.87
N ALA A 24 -8.31 -2.96 -28.27
CA ALA A 24 -7.93 -2.34 -29.54
C ALA A 24 -8.57 -3.06 -30.71
N PHE A 25 -8.60 -4.40 -30.65
CA PHE A 25 -9.27 -5.17 -31.70
C PHE A 25 -10.74 -4.81 -31.78
N LYS A 26 -11.41 -4.74 -30.63
CA LYS A 26 -12.84 -4.42 -30.62
C LYS A 26 -13.10 -3.03 -31.18
N ASP A 27 -12.28 -2.05 -30.78
CA ASP A 27 -12.46 -0.69 -31.27
C ASP A 27 -12.19 -0.60 -32.77
N MET A 28 -11.20 -1.34 -33.26
CA MET A 28 -10.95 -1.40 -34.69
C MET A 28 -12.15 -1.97 -35.43
N LEU A 29 -12.71 -3.06 -34.92
CA LEU A 29 -13.90 -3.66 -35.54
C LEU A 29 -15.05 -2.66 -35.59
N TYR A 30 -15.33 -1.99 -34.46
CA TYR A 30 -16.48 -1.12 -34.41
C TYR A 30 -16.29 0.11 -35.29
N SER A 31 -15.08 0.68 -35.28
CA SER A 31 -14.81 1.81 -36.16
C SER A 31 -14.94 1.42 -37.62
N ALA A 32 -14.42 0.25 -37.99
CA ALA A 32 -14.53 -0.17 -39.38
C ALA A 32 -15.97 -0.40 -39.77
N GLN A 33 -16.78 -0.97 -38.88
CA GLN A 33 -18.18 -1.19 -39.22
C GLN A 33 -18.93 0.11 -39.38
N ASP A 34 -18.75 1.05 -38.45
CA ASP A 34 -19.49 2.30 -38.51
C ASP A 34 -19.10 3.15 -39.70
N GLN A 35 -17.91 2.95 -40.27
CA GLN A 35 -17.45 3.73 -41.41
C GLN A 35 -17.69 3.00 -42.73
N ALA A 36 -18.71 2.16 -42.81
CA ALA A 36 -19.12 1.62 -44.09
C ALA A 36 -19.67 2.75 -44.95
N PRO A 37 -19.19 2.91 -46.18
CA PRO A 37 -19.54 4.10 -46.96
C PRO A 37 -21.03 4.21 -47.25
N SER A 38 -21.61 3.20 -47.90
CA SER A 38 -23.03 3.22 -48.21
C SER A 38 -23.46 1.83 -48.64
N VAL A 39 -24.60 1.39 -48.13
CA VAL A 39 -25.06 0.04 -48.42
C VAL A 39 -25.54 -0.08 -49.86
N GLU A 40 -26.13 1.00 -50.40
CA GLU A 40 -26.65 0.97 -51.76
C GLU A 40 -26.35 2.21 -52.58
N VAL A 41 -25.92 3.31 -51.96
CA VAL A 41 -25.69 4.54 -52.71
C VAL A 41 -24.50 4.37 -53.64
N THR A 42 -23.33 4.04 -53.09
CA THR A 42 -22.13 3.85 -53.88
C THR A 42 -22.12 2.43 -54.47
N ASP A 43 -21.07 2.13 -55.23
CA ASP A 43 -20.99 0.86 -55.94
C ASP A 43 -20.60 -0.26 -54.99
N GLU A 44 -21.02 -1.48 -55.33
CA GLU A 44 -20.72 -2.63 -54.49
C GLU A 44 -19.23 -2.94 -54.49
N ASP A 45 -18.51 -2.61 -55.56
CA ASP A 45 -17.07 -2.78 -55.53
C ASP A 45 -16.42 -1.91 -54.48
N THR A 46 -16.95 -0.71 -54.25
CA THR A 46 -16.39 0.18 -53.23
C THR A 46 -16.47 -0.45 -51.85
N VAL A 47 -17.68 -0.88 -51.45
CA VAL A 47 -17.83 -1.48 -50.13
C VAL A 47 -17.08 -2.79 -50.04
N LYS A 48 -17.04 -3.55 -51.14
CA LYS A 48 -16.31 -4.81 -51.14
C LYS A 48 -14.83 -4.58 -50.90
N ARG A 49 -14.24 -3.59 -51.58
CA ARG A 49 -12.82 -3.31 -51.39
C ARG A 49 -12.56 -2.72 -50.01
N TYR A 50 -13.50 -1.93 -49.49
CA TYR A 50 -13.35 -1.39 -48.14
C TYR A 50 -13.31 -2.52 -47.11
N PHE A 51 -14.24 -3.46 -47.22
CA PHE A 51 -14.25 -4.58 -46.30
C PHE A 51 -13.05 -5.50 -46.50
N ALA A 52 -12.57 -5.63 -47.75
CA ALA A 52 -11.38 -6.44 -47.98
C ALA A 52 -10.15 -5.80 -47.34
N LYS A 53 -10.01 -4.48 -47.48
CA LYS A 53 -8.91 -3.78 -46.83
C LYS A 53 -8.98 -3.94 -45.32
N PHE A 54 -10.18 -3.82 -44.75
CA PHE A 54 -10.32 -4.02 -43.31
C PHE A 54 -9.93 -5.44 -42.92
N GLU A 55 -10.31 -6.43 -43.73
CA GLU A 55 -9.95 -7.81 -43.44
C GLU A 55 -8.44 -7.98 -43.42
N GLU A 56 -7.76 -7.48 -44.46
CA GLU A 56 -6.31 -7.56 -44.52
C GLU A 56 -5.67 -6.92 -43.30
N LYS A 57 -6.07 -5.68 -42.97
CA LYS A 57 -5.46 -4.98 -41.85
C LYS A 57 -5.69 -5.73 -40.54
N PHE A 58 -6.90 -6.23 -40.33
CA PHE A 58 -7.21 -6.94 -39.10
C PHE A 58 -6.37 -8.20 -38.96
N PHE A 59 -6.20 -8.94 -40.05
CA PHE A 59 -5.45 -10.19 -39.94
C PHE A 59 -3.96 -9.93 -39.83
N GLN A 60 -3.45 -8.85 -40.41
CA GLN A 60 -2.05 -8.49 -40.18
C GLN A 60 -1.81 -8.12 -38.72
N THR A 61 -2.73 -7.34 -38.14
CA THR A 61 -2.61 -7.01 -36.72
C THR A 61 -2.67 -8.27 -35.86
N CYS A 62 -3.58 -9.18 -36.18
CA CYS A 62 -3.70 -10.41 -35.41
C CYS A 62 -2.43 -11.25 -35.52
N GLU A 63 -1.82 -11.26 -36.71
CA GLU A 63 -0.59 -12.03 -36.88
C GLU A 63 0.56 -11.44 -36.06
N LYS A 64 0.67 -10.11 -36.02
CA LYS A 64 1.73 -9.53 -35.19
C LYS A 64 1.47 -9.78 -33.71
N GLU A 65 0.20 -9.79 -33.30
CA GLU A 65 -0.14 -10.14 -31.92
C GLU A 65 0.29 -11.56 -31.61
N LEU A 66 -0.01 -12.50 -32.52
CA LEU A 66 0.35 -13.89 -32.30
C LEU A 66 1.87 -14.07 -32.24
N ALA A 67 2.60 -13.33 -33.07
CA ALA A 67 4.05 -13.42 -33.03
C ALA A 67 4.58 -12.94 -31.68
N LYS A 68 4.03 -11.83 -31.18
CA LYS A 68 4.42 -11.35 -29.85
C LYS A 68 4.15 -12.42 -28.80
N ILE A 69 2.98 -13.05 -28.85
CA ILE A 69 2.62 -14.05 -27.85
C ILE A 69 3.59 -15.22 -27.89
N ASN A 70 3.92 -15.69 -29.10
CA ASN A 70 4.83 -16.82 -29.24
C ASN A 70 6.20 -16.49 -28.69
N THR A 71 6.73 -15.31 -29.01
CA THR A 71 8.04 -14.92 -28.52
C THR A 71 8.06 -14.85 -27.01
N PHE A 72 7.05 -14.21 -26.41
CA PHE A 72 7.02 -14.10 -24.96
C PHE A 72 6.89 -15.46 -24.30
N TYR A 73 6.07 -16.35 -24.87
CA TYR A 73 5.91 -17.66 -24.27
C TYR A 73 7.20 -18.45 -24.32
N SER A 74 7.90 -18.44 -25.46
CA SER A 74 9.17 -19.15 -25.53
C SER A 74 10.19 -18.58 -24.55
N GLU A 75 10.20 -17.25 -24.41
CA GLU A 75 11.11 -16.61 -23.48
C GLU A 75 10.85 -17.07 -22.05
N LYS A 76 9.59 -16.99 -21.61
CA LYS A 76 9.27 -17.39 -20.25
C LYS A 76 9.49 -18.88 -20.02
N LEU A 77 9.23 -19.70 -21.04
CA LEU A 77 9.46 -21.14 -20.88
C LEU A 77 10.94 -21.44 -20.71
N ALA A 78 11.79 -20.82 -21.51
CA ALA A 78 13.23 -21.01 -21.33
C ALA A 78 13.68 -20.55 -19.95
N GLU A 79 13.16 -19.41 -19.50
CA GLU A 79 13.53 -18.91 -18.17
C GLU A 79 13.13 -19.90 -17.09
N ALA A 80 11.91 -20.45 -17.17
CA ALA A 80 11.46 -21.38 -16.16
C ALA A 80 12.27 -22.69 -16.21
N GLN A 81 12.65 -23.12 -17.41
CA GLN A 81 13.49 -24.31 -17.51
C GLN A 81 14.83 -24.10 -16.82
N ARG A 82 15.45 -22.95 -17.06
CA ARG A 82 16.74 -22.66 -16.41
C ARG A 82 16.58 -22.56 -14.90
N ARG A 83 15.49 -21.94 -14.44
CA ARG A 83 15.25 -21.85 -13.00
C ARG A 83 15.06 -23.23 -12.39
N PHE A 84 14.33 -24.11 -13.07
CA PHE A 84 14.16 -25.46 -12.56
C PHE A 84 15.49 -26.21 -12.53
N ALA A 85 16.32 -26.01 -13.54
CA ALA A 85 17.62 -26.66 -13.56
C ALA A 85 18.47 -26.23 -12.37
N THR A 86 18.58 -24.91 -12.14
CA THR A 86 19.42 -24.46 -11.03
C THR A 86 18.82 -24.86 -9.69
N LEU A 87 17.49 -24.86 -9.57
CA LEU A 87 16.87 -25.26 -8.33
C LEU A 87 17.11 -26.74 -8.04
N GLN A 88 17.05 -27.58 -9.08
CA GLN A 88 17.30 -29.00 -8.87
C GLN A 88 18.75 -29.26 -8.54
N ASN A 89 19.68 -28.56 -9.18
CA ASN A 89 21.08 -28.70 -8.83
C ASN A 89 21.32 -28.32 -7.37
N GLU A 90 20.73 -27.21 -6.92
CA GLU A 90 20.91 -26.78 -5.54
C GLU A 90 20.26 -27.76 -4.57
N LEU A 91 19.08 -28.27 -4.91
CA LEU A 91 18.43 -29.25 -4.04
C LEU A 91 19.25 -30.51 -3.92
N GLN A 92 19.83 -30.97 -5.02
CA GLN A 92 20.69 -32.14 -4.98
C GLN A 92 21.94 -31.88 -4.14
N SER A 93 22.54 -30.70 -4.29
CA SER A 93 23.70 -30.36 -3.49
C SER A 93 23.38 -30.35 -2.00
N SER A 94 22.24 -29.75 -1.63
CA SER A 94 21.87 -29.67 -0.22
C SER A 94 21.52 -31.05 0.32
N LEU A 95 20.84 -31.88 -0.46
CA LEU A 95 20.48 -33.21 0.01
C LEU A 95 21.71 -34.07 0.18
N ASP A 96 22.71 -33.91 -0.70
CA ASP A 96 23.95 -34.63 -0.52
C ASP A 96 24.72 -34.12 0.69
N ALA A 97 24.71 -32.80 0.90
CA ALA A 97 25.35 -32.23 2.07
C ALA A 97 24.67 -32.67 3.37
N GLN A 98 23.40 -33.04 3.30
CA GLN A 98 22.72 -33.56 4.49
C GLN A 98 23.46 -34.76 5.06
N LYS A 99 23.91 -35.67 4.20
CA LYS A 99 24.79 -36.74 4.64
C LYS A 99 25.53 -37.36 3.46
N VAL A 123 21.81 -23.32 9.66
CA VAL A 123 21.22 -24.58 10.10
C VAL A 123 20.53 -25.26 8.91
N GLN A 124 20.27 -26.56 9.06
CA GLN A 124 19.64 -27.31 7.97
C GLN A 124 18.16 -26.97 7.86
N HIS A 125 17.52 -26.59 8.97
CA HIS A 125 16.10 -26.25 8.91
C HIS A 125 15.86 -25.01 8.06
N ARG A 126 16.72 -24.00 8.20
CA ARG A 126 16.61 -22.82 7.34
C ARG A 126 16.78 -23.20 5.88
N ASN A 127 17.72 -24.11 5.60
CA ASN A 127 17.94 -24.55 4.23
C ASN A 127 16.69 -25.21 3.66
N ILE A 128 16.11 -26.14 4.41
CA ILE A 128 14.92 -26.84 3.90
C ILE A 128 13.74 -25.89 3.79
N LYS A 129 13.65 -25.02 4.65
CA LYS A 129 12.61 -24.03 4.50
C LYS A 129 12.76 -22.96 3.45
N ASP A 130 13.81 -22.90 2.86
CA ASP A 130 13.99 -21.95 1.86
C ASP A 130 14.09 -22.73 0.66
N LEU A 131 14.33 -23.96 0.71
CA LEU A 131 14.06 -24.61 -0.55
C LEU A 131 12.54 -24.78 -0.67
N LYS A 132 11.77 -25.08 0.31
CA LYS A 132 10.32 -25.11 0.18
C LYS A 132 9.80 -23.82 -0.42
N LEU A 133 10.27 -22.68 0.10
CA LEU A 133 9.77 -21.40 -0.39
C LEU A 133 10.17 -21.15 -1.84
N ALA A 134 11.38 -21.55 -2.23
CA ALA A 134 11.81 -21.35 -3.61
C ALA A 134 11.02 -22.24 -4.57
N PHE A 135 10.62 -23.43 -4.12
CA PHE A 135 9.85 -24.30 -4.98
C PHE A 135 8.40 -23.81 -5.11
N SER A 136 7.82 -23.32 -4.02
CA SER A 136 6.47 -22.78 -4.09
C SER A 136 6.41 -21.51 -4.92
N GLU A 137 7.54 -20.80 -5.06
CA GLU A 137 7.56 -19.61 -5.90
C GLU A 137 7.80 -19.96 -7.36
N PHE A 138 8.48 -21.07 -7.63
CA PHE A 138 8.66 -21.52 -9.00
C PHE A 138 7.37 -22.10 -9.56
N TYR A 139 6.54 -22.71 -8.70
CA TYR A 139 5.24 -23.20 -9.13
C TYR A 139 4.32 -22.05 -9.54
N LEU A 140 4.41 -20.92 -8.86
CA LEU A 140 3.56 -19.78 -9.18
C LEU A 140 3.82 -19.28 -10.60
N SER A 141 5.10 -19.22 -10.99
CA SER A 141 5.42 -18.77 -12.35
C SER A 141 4.84 -19.73 -13.39
N LEU A 142 4.92 -21.03 -13.12
CA LEU A 142 4.34 -22.00 -14.05
C LEU A 142 2.84 -21.82 -14.17
N ILE A 143 2.15 -21.62 -13.05
CA ILE A 143 0.70 -21.43 -13.09
C ILE A 143 0.36 -20.15 -13.83
N LEU A 144 1.14 -19.09 -13.61
CA LEU A 144 0.86 -17.82 -14.29
C LEU A 144 1.08 -17.95 -15.78
N LEU A 145 2.10 -18.69 -16.20
CA LEU A 145 2.31 -18.91 -17.63
C LEU A 145 1.20 -19.75 -18.23
N GLN A 146 0.71 -20.74 -17.48
CA GLN A 146 -0.41 -21.55 -17.95
C GLN A 146 -1.66 -20.69 -18.14
N ASN A 147 -1.95 -19.82 -17.18
CA ASN A 147 -3.12 -18.94 -17.31
C ASN A 147 -2.92 -17.94 -18.44
N TYR A 148 -1.68 -17.50 -18.65
CA TYR A 148 -1.37 -16.65 -19.80
C TYR A 148 -1.75 -17.34 -21.10
N GLN A 149 -1.30 -18.58 -21.28
CA GLN A 149 -1.66 -19.35 -22.48
C GLN A 149 -3.17 -19.47 -22.61
N ASN A 150 -3.85 -19.82 -21.51
CA ASN A 150 -5.29 -20.04 -21.58
C ASN A 150 -6.04 -18.79 -21.97
N LEU A 151 -5.74 -17.66 -21.33
CA LEU A 151 -6.44 -16.41 -21.62
C LEU A 151 -6.15 -15.94 -23.04
N ASN A 152 -4.89 -16.04 -23.47
CA ASN A 152 -4.56 -15.61 -24.82
C ASN A 152 -5.26 -16.47 -25.86
N PHE A 153 -5.42 -17.77 -25.60
CA PHE A 153 -6.19 -18.58 -26.54
C PHE A 153 -7.66 -18.20 -26.52
N THR A 154 -8.27 -18.15 -25.35
CA THR A 154 -9.68 -17.73 -25.31
C THR A 154 -9.83 -16.23 -25.23
N GLY A 155 -8.99 -15.52 -25.97
CA GLY A 155 -9.23 -14.14 -26.33
C GLY A 155 -9.19 -14.06 -27.83
N PHE A 156 -8.45 -14.99 -28.42
CA PHE A 156 -8.46 -15.14 -29.87
C PHE A 156 -9.79 -15.68 -30.34
N ARG A 157 -10.31 -16.71 -29.68
CA ARG A 157 -11.60 -17.28 -30.05
C ARG A 157 -12.71 -16.25 -29.92
N LYS A 158 -12.69 -15.46 -28.86
CA LYS A 158 -13.73 -14.46 -28.65
C LYS A 158 -13.68 -13.38 -29.72
N ILE A 159 -12.49 -12.85 -29.99
CA ILE A 159 -12.39 -11.75 -30.96
C ILE A 159 -12.63 -12.26 -32.38
N LEU A 160 -12.24 -13.49 -32.68
CA LEU A 160 -12.52 -14.03 -34.01
C LEU A 160 -13.98 -14.36 -34.18
N LYS A 161 -14.64 -14.82 -33.11
CA LYS A 161 -16.08 -15.00 -33.15
C LYS A 161 -16.79 -13.66 -33.35
N LYS A 162 -16.30 -12.61 -32.69
CA LYS A 162 -16.88 -11.28 -32.88
C LYS A 162 -16.68 -10.80 -34.30
N HIS A 163 -15.51 -11.05 -34.88
CA HIS A 163 -15.28 -10.65 -36.26
C HIS A 163 -16.19 -11.43 -37.21
N ASP A 164 -16.40 -12.72 -36.94
CA ASP A 164 -17.32 -13.49 -37.76
C ASP A 164 -18.74 -12.94 -37.67
N LYS A 165 -19.17 -12.58 -36.47
CA LYS A 165 -20.55 -12.10 -36.30
C LYS A 165 -20.73 -10.71 -36.89
N ILE A 166 -19.73 -9.84 -36.76
CA ILE A 166 -19.90 -8.45 -37.14
C ILE A 166 -19.87 -8.29 -38.65
N LEU A 167 -18.96 -8.99 -39.32
CA LEU A 167 -18.83 -8.88 -40.76
C LEU A 167 -19.64 -9.93 -41.52
N GLU A 168 -20.40 -10.77 -40.81
CA GLU A 168 -21.18 -11.84 -41.43
C GLU A 168 -20.33 -12.70 -42.36
N THR A 169 -19.14 -13.05 -41.89
CA THR A 169 -18.25 -13.92 -42.64
C THR A 169 -17.79 -15.08 -41.77
N SER A 170 -17.14 -16.04 -42.39
CA SER A 170 -16.59 -17.20 -41.70
C SER A 170 -15.08 -17.28 -41.85
N ARG A 171 -14.44 -16.22 -42.33
CA ARG A 171 -12.99 -16.23 -42.47
C ARG A 171 -12.29 -16.19 -41.12
N GLY A 172 -12.96 -15.72 -40.07
CA GLY A 172 -12.32 -15.66 -38.77
C GLY A 172 -12.03 -17.03 -38.20
N ALA A 173 -13.01 -17.94 -38.28
CA ALA A 173 -12.79 -19.28 -37.78
C ALA A 173 -11.74 -20.02 -38.62
N ASP A 174 -11.71 -19.76 -39.92
CA ASP A 174 -10.68 -20.34 -40.76
C ASP A 174 -9.30 -19.85 -40.35
N TRP A 175 -9.17 -18.54 -40.12
CA TRP A 175 -7.90 -18.01 -39.64
C TRP A 175 -7.53 -18.63 -38.30
N ARG A 176 -8.51 -18.84 -37.43
CA ARG A 176 -8.24 -19.49 -36.16
C ARG A 176 -7.64 -20.86 -36.38
N VAL A 177 -8.39 -21.75 -37.03
CA VAL A 177 -7.92 -23.12 -37.20
C VAL A 177 -6.65 -23.19 -38.04
N ALA A 178 -6.34 -22.15 -38.80
CA ALA A 178 -5.15 -22.19 -39.64
C ALA A 178 -3.90 -21.66 -38.94
N HIS A 179 -4.04 -20.65 -38.09
CA HIS A 179 -2.88 -20.03 -37.46
C HIS A 179 -2.79 -20.25 -35.96
N VAL A 180 -3.89 -20.11 -35.23
CA VAL A 180 -3.82 -20.12 -33.78
C VAL A 180 -3.50 -21.52 -33.27
N GLU A 181 -4.25 -22.52 -33.71
CA GLU A 181 -4.02 -23.87 -33.20
C GLU A 181 -2.96 -24.61 -33.98
N VAL A 182 -1.83 -23.95 -34.24
CA VAL A 182 -0.61 -24.61 -34.69
C VAL A 182 0.54 -23.95 -33.95
N ALA A 183 0.25 -22.81 -33.32
CA ALA A 183 1.29 -21.97 -32.78
C ALA A 183 1.97 -22.64 -31.60
N PRO A 184 3.26 -22.42 -31.43
CA PRO A 184 3.96 -23.02 -30.28
C PRO A 184 3.72 -22.25 -29.00
N PHE A 185 2.47 -21.89 -28.75
CA PHE A 185 2.04 -21.40 -27.45
C PHE A 185 0.72 -22.01 -27.02
N TYR A 186 -0.01 -22.67 -27.92
CA TYR A 186 -1.16 -23.48 -27.57
C TYR A 186 -0.90 -24.96 -27.72
N THR A 187 0.15 -25.35 -28.45
CA THR A 187 0.48 -26.75 -28.65
C THR A 187 1.67 -27.20 -27.81
N CYS A 188 2.31 -26.31 -27.07
CA CYS A 188 3.50 -26.65 -26.29
C CYS A 188 3.05 -27.15 -24.93
N LYS A 189 2.88 -28.46 -24.82
CA LYS A 189 2.46 -29.08 -23.56
C LYS A 189 3.67 -29.40 -22.68
N LYS A 190 4.54 -28.41 -22.49
CA LYS A 190 5.71 -28.57 -21.67
C LYS A 190 5.52 -28.05 -20.25
N ILE A 191 4.59 -27.10 -20.07
CA ILE A 191 4.35 -26.54 -18.74
C ILE A 191 3.68 -27.57 -17.84
N ASN A 192 2.78 -28.38 -18.40
CA ASN A 192 2.10 -29.40 -17.59
C ASN A 192 3.09 -30.45 -17.09
N GLN A 193 4.03 -30.85 -17.95
CA GLN A 193 5.06 -31.78 -17.51
C GLN A 193 5.94 -31.17 -16.43
N LEU A 194 6.26 -29.88 -16.57
CA LEU A 194 7.07 -29.22 -15.55
C LEU A 194 6.32 -29.15 -14.22
N ILE A 195 5.02 -28.90 -14.27
CA ILE A 195 4.22 -28.86 -13.05
C ILE A 195 4.19 -30.23 -12.39
N SER A 196 3.98 -31.28 -13.19
CA SER A 196 3.97 -32.63 -12.64
C SER A 196 5.32 -33.00 -12.04
N GLU A 197 6.41 -32.64 -12.71
CA GLU A 197 7.73 -32.94 -12.19
C GLU A 197 8.03 -32.17 -10.92
N THR A 198 7.62 -30.89 -10.86
CA THR A 198 7.80 -30.12 -9.64
C THR A 198 7.03 -30.75 -8.49
N GLU A 199 5.79 -31.18 -8.75
CA GLU A 199 5.01 -31.80 -7.69
C GLU A 199 5.65 -33.10 -7.22
N ALA A 200 6.13 -33.91 -8.16
CA ALA A 200 6.80 -35.15 -7.78
C ALA A 200 8.05 -34.87 -6.96
N VAL A 201 8.82 -33.84 -7.34
CA VAL A 201 10.03 -33.50 -6.62
C VAL A 201 9.70 -33.06 -5.19
N VAL A 202 8.75 -32.14 -5.05
CA VAL A 202 8.41 -31.65 -3.72
C VAL A 202 7.81 -32.76 -2.87
N THR A 203 7.07 -33.69 -3.48
CA THR A 203 6.43 -34.73 -2.69
C THR A 203 7.43 -35.80 -2.25
N ASN A 204 8.35 -36.19 -3.12
CA ASN A 204 9.30 -37.24 -2.74
C ASN A 204 10.41 -36.69 -1.85
N GLU A 205 10.96 -35.52 -2.19
CA GLU A 205 12.11 -35.01 -1.48
C GLU A 205 11.74 -34.24 -0.21
N LEU A 206 10.92 -33.21 -0.34
CA LEU A 206 10.71 -32.27 0.74
C LEU A 206 9.69 -32.74 1.77
N GLU A 207 8.80 -33.67 1.41
CA GLU A 207 7.77 -34.10 2.33
C GLU A 207 7.76 -35.61 2.61
N ASP A 208 8.55 -36.39 1.88
CA ASP A 208 8.60 -37.85 2.06
C ASP A 208 7.21 -38.46 1.93
N GLY A 209 6.68 -38.34 0.72
CA GLY A 209 5.29 -38.68 0.50
C GLY A 209 4.40 -37.51 0.88
N ASP A 210 3.18 -37.81 1.29
CA ASP A 210 2.25 -36.80 1.79
C ASP A 210 2.02 -35.71 0.75
N ARG A 211 1.44 -36.11 -0.37
CA ARG A 211 1.12 -35.16 -1.43
C ARG A 211 0.07 -34.15 -0.98
N GLN A 212 -0.71 -34.48 0.05
CA GLN A 212 -1.69 -33.53 0.57
C GLN A 212 -1.00 -32.30 1.14
N LYS A 213 0.05 -32.50 1.93
CA LYS A 213 0.77 -31.36 2.49
C LYS A 213 1.62 -30.66 1.44
N ALA A 214 2.12 -31.40 0.46
CA ALA A 214 2.89 -30.78 -0.61
C ALA A 214 2.00 -29.90 -1.49
N MET A 215 0.85 -30.43 -1.90
CA MET A 215 -0.03 -29.66 -2.76
C MET A 215 -0.70 -28.51 -2.02
N LYS A 216 -0.91 -28.67 -0.72
CA LYS A 216 -1.48 -27.58 0.06
C LYS A 216 -0.56 -26.37 0.09
N ARG A 217 0.74 -26.59 -0.02
CA ARG A 217 1.70 -25.50 -0.12
C ARG A 217 1.87 -25.00 -1.54
N LEU A 218 1.76 -25.90 -2.53
CA LEU A 218 2.02 -25.51 -3.91
C LEU A 218 0.79 -24.90 -4.58
N ARG A 219 -0.40 -25.24 -4.12
CA ARG A 219 -1.62 -24.81 -4.80
C ARG A 219 -1.78 -23.30 -4.72
N VAL A 220 -2.34 -22.73 -5.78
CA VAL A 220 -2.50 -21.29 -5.92
C VAL A 220 -3.97 -20.98 -6.14
N PRO A 221 -4.62 -20.24 -5.24
CA PRO A 221 -6.04 -19.93 -5.42
C PRO A 221 -6.23 -18.93 -6.53
N PRO A 222 -7.47 -18.70 -6.97
CA PRO A 222 -7.73 -17.59 -7.90
C PRO A 222 -7.29 -16.27 -7.28
N LEU A 223 -6.27 -15.65 -7.85
CA LEU A 223 -5.62 -14.50 -7.24
C LEU A 223 -5.81 -13.27 -8.11
N GLY A 224 -5.36 -12.13 -7.59
CA GLY A 224 -5.52 -10.87 -8.28
C GLY A 224 -6.80 -10.17 -7.89
N ALA A 225 -7.25 -9.30 -8.80
CA ALA A 225 -8.53 -8.61 -8.61
C ALA A 225 -9.72 -9.52 -8.88
N ALA A 226 -9.48 -10.79 -9.16
CA ALA A 226 -10.55 -11.73 -9.48
C ALA A 226 -11.11 -12.46 -8.27
N GLN A 227 -10.46 -12.37 -7.12
CA GLN A 227 -10.95 -13.04 -5.93
C GLN A 227 -11.94 -12.15 -5.20
N PRO A 228 -13.18 -12.57 -5.00
CA PRO A 228 -14.12 -11.78 -4.20
C PRO A 228 -14.03 -12.16 -2.74
N ALA A 229 -14.02 -11.16 -1.88
CA ALA A 229 -13.98 -11.42 -0.45
C ALA A 229 -15.26 -12.12 -0.02
N PRO A 230 -15.20 -12.97 1.01
CA PRO A 230 -16.40 -13.66 1.45
C PRO A 230 -17.48 -12.68 1.88
N ALA A 231 -18.73 -13.11 1.79
CA ALA A 231 -19.85 -12.24 2.12
C ALA A 231 -19.81 -11.82 3.58
N TRP A 232 -19.29 -12.68 4.45
CA TRP A 232 -19.28 -12.37 5.88
C TRP A 232 -18.33 -11.22 6.20
N THR A 233 -17.22 -11.14 5.49
CA THR A 233 -16.30 -10.02 5.73
C THR A 233 -16.91 -8.70 5.28
N THR A 234 -17.59 -8.69 4.13
CA THR A 234 -18.26 -7.47 3.68
C THR A 234 -19.39 -7.10 4.63
N PHE A 235 -20.09 -8.09 5.17
CA PHE A 235 -21.15 -7.78 6.13
C PHE A 235 -20.58 -7.24 7.42
N ARG A 236 -19.43 -7.76 7.87
CA ARG A 236 -18.82 -7.23 9.07
C ARG A 236 -18.30 -5.81 8.84
N VAL A 237 -17.83 -5.51 7.64
CA VAL A 237 -17.49 -4.14 7.29
C VAL A 237 -18.72 -3.25 7.40
N GLY A 238 -19.81 -3.66 6.74
CA GLY A 238 -21.01 -2.84 6.74
C GLY A 238 -21.65 -2.72 8.12
N LEU A 239 -21.36 -3.67 9.01
CA LEU A 239 -21.87 -3.60 10.37
C LEU A 239 -21.03 -2.67 11.23
N PHE A 240 -19.70 -2.83 11.16
CA PHE A 240 -18.81 -1.99 11.95
C PHE A 240 -18.86 -0.53 11.49
N CYS A 241 -19.18 -0.29 10.22
CA CYS A 241 -19.25 1.07 9.71
C CYS A 241 -20.54 1.77 10.10
N GLY A 242 -21.65 1.06 10.14
CA GLY A 242 -22.89 1.68 10.56
C GLY A 242 -22.89 2.03 12.04
N ILE A 243 -22.43 1.09 12.87
CA ILE A 243 -22.25 1.38 14.29
C ILE A 243 -21.34 2.58 14.47
N PHE A 244 -20.26 2.64 13.69
CA PHE A 244 -19.33 3.76 13.80
C PHE A 244 -20.00 5.07 13.45
N ILE A 245 -20.82 5.09 12.39
CA ILE A 245 -21.50 6.32 11.99
C ILE A 245 -22.45 6.78 13.07
N VAL A 246 -23.26 5.87 13.60
CA VAL A 246 -24.23 6.25 14.62
C VAL A 246 -23.52 6.71 15.88
N LEU A 247 -22.43 6.04 16.25
CA LEU A 247 -21.69 6.44 17.44
C LEU A 247 -21.01 7.78 17.26
N ASN A 248 -20.57 8.10 16.04
CA ASN A 248 -20.02 9.42 15.79
C ASN A 248 -21.08 10.50 15.91
N ILE A 249 -22.27 10.25 15.37
CA ILE A 249 -23.37 11.19 15.54
C ILE A 249 -23.67 11.39 17.02
N THR A 250 -23.71 10.30 17.77
CA THR A 250 -23.99 10.39 19.20
C THR A 250 -22.89 11.13 19.94
N LEU A 251 -21.64 10.94 19.53
CA LEU A 251 -20.53 11.67 20.14
C LEU A 251 -20.66 13.16 19.91
N VAL A 252 -20.99 13.55 18.69
CA VAL A 252 -21.16 14.98 18.40
C VAL A 252 -22.30 15.55 19.23
N LEU A 253 -23.42 14.84 19.27
CA LEU A 253 -24.57 15.31 20.04
C LEU A 253 -24.24 15.43 21.52
N ALA A 254 -23.54 14.45 22.08
CA ALA A 254 -23.21 14.48 23.49
C ALA A 254 -22.17 15.54 23.80
N ALA A 255 -21.26 15.81 22.87
CA ALA A 255 -20.31 16.89 23.09
C ALA A 255 -21.01 18.24 23.05
N VAL A 256 -22.06 18.37 22.24
CA VAL A 256 -22.76 19.65 22.19
C VAL A 256 -23.70 19.81 23.38
N PHE A 257 -24.38 18.75 23.80
CA PHE A 257 -25.44 18.86 24.79
C PHE A 257 -25.08 18.35 26.18
N LYS A 258 -24.05 17.52 26.32
CA LYS A 258 -23.80 16.89 27.61
C LYS A 258 -22.50 17.36 28.26
N LEU A 259 -21.45 17.60 27.49
CA LEU A 259 -20.17 17.99 28.06
C LEU A 259 -20.27 19.39 28.65
N GLU A 260 -20.17 19.49 29.97
CA GLU A 260 -20.32 20.77 30.63
C GLU A 260 -19.02 21.57 30.58
N THR A 261 -19.13 22.85 30.92
CA THR A 261 -17.99 23.76 30.91
C THR A 261 -17.22 23.60 32.22
N ASP A 262 -16.33 24.57 32.49
CA ASP A 262 -15.61 24.68 33.75
C ASP A 262 -14.51 23.62 33.84
N ARG A 263 -14.46 22.74 32.86
CA ARG A 263 -13.42 21.72 32.81
C ARG A 263 -12.60 21.89 31.53
N SER A 264 -11.44 21.26 31.51
CA SER A 264 -10.53 21.34 30.37
C SER A 264 -10.69 20.09 29.53
N ILE A 265 -11.17 20.27 28.30
CA ILE A 265 -11.34 19.15 27.38
C ILE A 265 -10.06 18.76 26.67
N TRP A 266 -9.02 19.59 26.77
CA TRP A 266 -7.79 19.37 26.01
C TRP A 266 -7.06 18.10 26.40
N PRO A 267 -6.96 17.73 27.68
CA PRO A 267 -6.40 16.41 27.99
C PRO A 267 -7.16 15.29 27.32
N LEU A 268 -8.49 15.36 27.30
CA LEU A 268 -9.30 14.29 26.73
C LEU A 268 -8.99 14.11 25.24
N ILE A 269 -9.17 15.17 24.45
CA ILE A 269 -8.99 15.01 23.01
C ILE A 269 -7.53 14.88 22.65
N ARG A 270 -6.63 15.29 23.52
CA ARG A 270 -5.21 15.02 23.30
C ARG A 270 -4.88 13.56 23.53
N ILE A 271 -5.59 12.89 24.44
CA ILE A 271 -5.39 11.47 24.64
C ILE A 271 -6.06 10.66 23.53
N TYR A 272 -7.27 11.05 23.14
CA TYR A 272 -8.00 10.32 22.10
C TYR A 272 -7.62 10.73 20.69
N ARG A 273 -6.62 11.61 20.54
CA ARG A 273 -6.20 12.01 19.21
C ARG A 273 -5.43 10.90 18.51
N GLY A 274 -4.63 10.15 19.26
CA GLY A 274 -3.83 9.09 18.65
C GLY A 274 -4.68 7.97 18.09
N GLY A 275 -5.69 7.54 18.85
CA GLY A 275 -6.57 6.49 18.35
C GLY A 275 -7.28 6.89 17.08
N PHE A 276 -7.72 8.13 16.98
CA PHE A 276 -8.40 8.58 15.78
C PHE A 276 -7.47 8.59 14.58
N LEU A 277 -6.22 9.02 14.78
CA LEU A 277 -5.24 8.99 13.70
C LEU A 277 -4.98 7.56 13.26
N LEU A 278 -4.92 6.62 14.21
CA LEU A 278 -4.70 5.22 13.85
C LEU A 278 -5.87 4.66 13.06
N ILE A 279 -7.11 5.00 13.46
CA ILE A 279 -8.29 4.53 12.74
C ILE A 279 -8.28 5.09 11.32
N GLU A 280 -7.99 6.39 11.20
CA GLU A 280 -7.93 7.01 9.89
C GLU A 280 -6.85 6.37 9.02
N PHE A 281 -5.71 6.03 9.62
CA PHE A 281 -4.64 5.42 8.86
C PHE A 281 -5.03 4.03 8.38
N LEU A 282 -5.72 3.26 9.22
CA LEU A 282 -6.14 1.93 8.79
C LEU A 282 -7.19 2.01 7.68
N PHE A 283 -8.12 2.96 7.79
CA PHE A 283 -9.10 3.16 6.72
C PHE A 283 -8.42 3.54 5.41
N LEU A 284 -7.51 4.50 5.46
CA LEU A 284 -6.84 4.95 4.25
C LEU A 284 -5.90 3.88 3.71
N LEU A 285 -5.39 3.01 4.56
CA LEU A 285 -4.59 1.88 4.09
C LEU A 285 -5.47 0.86 3.37
N GLY A 286 -6.69 0.65 3.86
CA GLY A 286 -7.63 -0.16 3.11
C GLY A 286 -7.94 0.40 1.75
N ILE A 287 -8.18 1.71 1.68
CA ILE A 287 -8.42 2.35 0.39
C ILE A 287 -7.19 2.22 -0.51
N ASN A 288 -6.00 2.35 0.07
CA ASN A 288 -4.77 2.18 -0.68
C ASN A 288 -4.66 0.78 -1.27
N THR A 289 -4.97 -0.24 -0.46
CA THR A 289 -4.91 -1.60 -0.94
C THR A 289 -5.91 -1.83 -2.05
N TYR A 290 -7.11 -1.25 -1.93
CA TYR A 290 -8.09 -1.35 -3.02
C TYR A 290 -7.56 -0.72 -4.29
N GLY A 291 -6.96 0.47 -4.18
CA GLY A 291 -6.42 1.12 -5.35
C GLY A 291 -5.29 0.34 -5.99
N TRP A 292 -4.40 -0.22 -5.18
CA TRP A 292 -3.31 -1.04 -5.70
C TRP A 292 -3.84 -2.30 -6.38
N ARG A 293 -4.89 -2.90 -5.80
CA ARG A 293 -5.43 -4.12 -6.38
C ARG A 293 -6.13 -3.85 -7.70
N GLN A 294 -6.84 -2.74 -7.80
CA GLN A 294 -7.58 -2.46 -9.03
C GLN A 294 -6.68 -1.92 -10.13
N ALA A 295 -5.81 -0.98 -9.80
CA ALA A 295 -4.96 -0.36 -10.82
C ALA A 295 -3.93 -1.33 -11.39
N GLY A 296 -3.58 -2.38 -10.65
CA GLY A 296 -2.60 -3.34 -11.10
C GLY A 296 -1.32 -3.34 -10.29
N VAL A 297 -1.08 -2.31 -9.50
CA VAL A 297 0.11 -2.25 -8.67
C VAL A 297 0.03 -3.36 -7.63
N ASN A 298 0.82 -4.42 -7.80
CA ASN A 298 0.74 -5.55 -6.91
C ASN A 298 1.68 -5.34 -5.73
N HIS A 299 1.10 -4.99 -4.59
CA HIS A 299 1.86 -4.84 -3.35
C HIS A 299 2.34 -6.18 -2.80
N VAL A 300 1.82 -7.29 -3.31
CA VAL A 300 2.18 -8.59 -2.77
C VAL A 300 3.63 -8.94 -3.13
N LEU A 301 4.08 -8.51 -4.29
CA LEU A 301 5.46 -8.75 -4.68
C LEU A 301 6.41 -7.75 -4.03
N ILE A 302 5.97 -6.49 -3.90
CA ILE A 302 6.83 -5.46 -3.34
C ILE A 302 6.97 -5.63 -1.83
N PHE A 303 5.87 -5.92 -1.14
CA PHE A 303 5.94 -6.17 0.29
C PHE A 303 6.44 -7.57 0.63
N GLU A 304 6.63 -8.42 -0.37
CA GLU A 304 7.04 -9.82 -0.16
C GLU A 304 6.01 -10.56 0.69
N LEU A 305 4.74 -10.29 0.45
CA LEU A 305 3.68 -11.02 1.13
C LEU A 305 3.48 -12.39 0.48
N ASN A 306 2.55 -13.16 1.02
CA ASN A 306 2.27 -14.47 0.46
C ASN A 306 1.29 -14.32 -0.69
N PRO A 307 1.66 -14.73 -1.91
CA PRO A 307 0.75 -14.56 -3.05
C PRO A 307 -0.54 -15.36 -2.93
N ARG A 308 -0.61 -16.33 -2.04
CA ARG A 308 -1.82 -17.14 -1.86
C ARG A 308 -2.69 -16.66 -0.71
N SER A 309 -2.10 -16.12 0.35
CA SER A 309 -2.86 -15.55 1.47
C SER A 309 -2.48 -14.09 1.60
N ASN A 310 -3.45 -13.20 1.42
CA ASN A 310 -3.25 -11.77 1.56
C ASN A 310 -4.37 -11.18 2.39
N LEU A 311 -4.34 -9.87 2.54
CA LEU A 311 -5.43 -9.12 3.15
C LEU A 311 -5.96 -8.15 2.10
N SER A 312 -7.18 -8.36 1.66
CA SER A 312 -7.82 -7.40 0.76
C SER A 312 -8.20 -6.15 1.53
N HIS A 313 -8.81 -5.19 0.83
CA HIS A 313 -9.21 -3.96 1.48
C HIS A 313 -10.27 -4.20 2.54
N GLN A 314 -11.07 -5.27 2.38
CA GLN A 314 -12.15 -5.52 3.32
C GLN A 314 -11.62 -5.84 4.71
N HIS A 315 -10.51 -6.58 4.78
CA HIS A 315 -9.96 -6.93 6.10
C HIS A 315 -9.46 -5.70 6.83
N LEU A 316 -8.79 -4.79 6.14
CA LEU A 316 -8.31 -3.58 6.80
C LEU A 316 -9.46 -2.67 7.15
N PHE A 317 -10.49 -2.61 6.31
CA PHE A 317 -11.69 -1.86 6.65
C PHE A 317 -12.35 -2.42 7.91
N GLU A 318 -12.37 -3.75 8.04
CA GLU A 318 -12.99 -4.37 9.21
C GLU A 318 -12.18 -4.11 10.47
N ILE A 319 -10.85 -4.20 10.38
CA ILE A 319 -10.00 -3.90 11.52
C ILE A 319 -10.21 -2.45 11.96
N ALA A 320 -10.20 -1.53 11.00
CA ALA A 320 -10.40 -0.12 11.30
C ALA A 320 -11.76 0.12 11.93
N GLY A 321 -12.80 -0.55 11.42
CA GLY A 321 -14.12 -0.38 11.98
C GLY A 321 -14.22 -0.88 13.41
N PHE A 322 -13.62 -2.04 13.69
CA PHE A 322 -13.67 -2.58 15.04
C PHE A 322 -12.93 -1.66 16.02
N LEU A 323 -11.73 -1.22 15.66
CA LEU A 323 -10.98 -0.37 16.56
C LEU A 323 -11.65 1.00 16.71
N GLY A 324 -12.29 1.51 15.66
CA GLY A 324 -13.03 2.74 15.79
C GLY A 324 -14.27 2.60 16.65
N ILE A 325 -14.92 1.44 16.61
CA ILE A 325 -16.03 1.18 17.51
C ILE A 325 -15.55 1.23 18.96
N LEU A 326 -14.41 0.59 19.24
CA LEU A 326 -13.85 0.64 20.59
C LEU A 326 -13.52 2.07 20.99
N TRP A 327 -12.93 2.84 20.08
CA TRP A 327 -12.59 4.23 20.36
C TRP A 327 -13.83 5.05 20.69
N CYS A 328 -14.87 4.91 19.88
CA CYS A 328 -16.09 5.66 20.10
C CYS A 328 -16.76 5.27 21.41
N LEU A 329 -16.74 3.97 21.73
CA LEU A 329 -17.32 3.53 23.00
C LEU A 329 -16.57 4.12 24.18
N SER A 330 -15.24 4.12 24.11
CA SER A 330 -14.45 4.68 25.20
C SER A 330 -14.71 6.18 25.36
N LEU A 331 -14.78 6.91 24.25
CA LEU A 331 -15.05 8.34 24.34
C LEU A 331 -16.45 8.61 24.88
N LEU A 332 -17.44 7.82 24.45
CA LEU A 332 -18.79 7.97 24.97
C LEU A 332 -18.85 7.71 26.46
N ALA A 333 -18.19 6.64 26.91
CA ALA A 333 -18.14 6.35 28.34
C ALA A 333 -17.45 7.49 29.09
N CYS A 334 -16.46 8.12 28.48
CA CYS A 334 -15.82 9.28 29.12
C CYS A 334 -16.80 10.43 29.27
N PHE A 335 -17.63 10.68 28.25
CA PHE A 335 -18.58 11.78 28.33
C PHE A 335 -19.69 11.49 29.32
N PHE A 336 -20.31 10.30 29.22
CA PHE A 336 -21.49 10.02 30.02
C PHE A 336 -21.14 9.58 31.44
N ALA A 337 -19.99 8.94 31.63
CA ALA A 337 -19.61 8.32 32.90
C ALA A 337 -20.70 7.34 33.32
N PRO A 338 -20.87 6.22 32.61
CA PRO A 338 -22.02 5.35 32.89
C PRO A 338 -22.03 4.77 34.29
N ILE A 339 -20.98 4.09 34.68
CA ILE A 339 -20.91 3.47 36.00
C ILE A 339 -20.28 4.46 36.97
N SER A 340 -20.84 4.54 38.16
CA SER A 340 -20.40 5.54 39.13
C SER A 340 -19.18 5.11 39.92
N VAL A 341 -18.81 3.83 39.88
CA VAL A 341 -17.70 3.38 40.72
C VAL A 341 -16.37 3.51 39.99
N ILE A 342 -16.36 3.32 38.67
CA ILE A 342 -15.12 3.36 37.90
C ILE A 342 -14.87 4.81 37.50
N PRO A 343 -13.74 5.39 37.86
CA PRO A 343 -13.43 6.76 37.43
C PRO A 343 -13.22 6.82 35.92
N THR A 344 -13.30 8.05 35.39
CA THR A 344 -13.33 8.22 33.95
C THR A 344 -12.00 7.91 33.28
N TYR A 345 -10.88 7.96 34.01
CA TYR A 345 -9.59 7.74 33.37
C TYR A 345 -9.32 6.28 33.06
N VAL A 346 -10.19 5.36 33.47
CA VAL A 346 -9.98 3.96 33.16
C VAL A 346 -10.34 3.66 31.71
N TYR A 347 -11.28 4.40 31.13
CA TYR A 347 -11.71 4.14 29.76
C TYR A 347 -10.60 4.34 28.73
N PRO A 348 -9.81 5.42 28.76
CA PRO A 348 -8.69 5.51 27.81
C PRO A 348 -7.66 4.44 28.04
N LEU A 349 -7.34 4.16 29.31
CA LEU A 349 -6.41 3.10 29.64
C LEU A 349 -6.90 1.76 29.10
N ALA A 350 -8.17 1.46 29.29
CA ALA A 350 -8.73 0.20 28.80
C ALA A 350 -8.71 0.15 27.28
N LEU A 351 -9.04 1.26 26.62
CA LEU A 351 -9.05 1.29 25.16
C LEU A 351 -7.67 1.00 24.60
N TYR A 352 -6.64 1.67 25.14
CA TYR A 352 -5.30 1.45 24.60
C TYR A 352 -4.74 0.11 25.02
N GLY A 353 -5.11 -0.40 26.20
CA GLY A 353 -4.71 -1.74 26.57
C GLY A 353 -5.35 -2.81 25.71
N PHE A 354 -6.58 -2.59 25.25
CA PHE A 354 -7.20 -3.53 24.33
C PHE A 354 -6.58 -3.42 22.95
N MET A 355 -6.24 -2.21 22.51
CA MET A 355 -5.56 -2.05 21.23
C MET A 355 -4.20 -2.74 21.24
N VAL A 356 -3.49 -2.69 22.37
CA VAL A 356 -2.19 -3.33 22.46
C VAL A 356 -2.36 -4.84 22.58
N PHE A 357 -3.33 -5.29 23.39
CA PHE A 357 -3.54 -6.72 23.55
C PHE A 357 -4.05 -7.35 22.27
N PHE A 358 -4.73 -6.59 21.41
CA PHE A 358 -5.11 -7.12 20.12
C PHE A 358 -3.89 -7.39 19.26
N LEU A 359 -2.87 -6.53 19.35
CA LEU A 359 -1.70 -6.69 18.50
C LEU A 359 -0.82 -7.85 18.96
N ILE A 360 -0.63 -8.00 20.26
CA ILE A 360 0.33 -8.96 20.78
C ILE A 360 -0.39 -10.23 21.22
N ASN A 361 -1.56 -10.48 20.66
CA ASN A 361 -2.34 -11.66 20.98
C ASN A 361 -1.50 -12.92 20.70
N PRO A 362 -1.14 -13.69 21.72
CA PRO A 362 -0.29 -14.86 21.49
C PRO A 362 -1.02 -16.05 20.90
N THR A 363 -2.35 -16.08 20.95
CA THR A 363 -3.08 -17.18 20.35
C THR A 363 -3.08 -17.04 18.83
N LYS A 364 -3.74 -17.99 18.16
CA LYS A 364 -3.76 -18.04 16.71
C LYS A 364 -5.09 -17.57 16.14
N THR A 365 -5.71 -16.56 16.74
CA THR A 365 -6.99 -16.05 16.29
C THR A 365 -6.88 -14.56 16.00
N PHE A 366 -7.89 -14.04 15.31
CA PHE A 366 -8.07 -12.61 15.06
C PHE A 366 -6.89 -12.05 14.27
N TYR A 367 -6.74 -12.54 13.04
CA TYR A 367 -5.68 -12.10 12.13
C TYR A 367 -4.29 -12.34 12.74
N TYR A 368 -3.98 -13.63 12.95
CA TYR A 368 -2.73 -13.95 13.63
C TYR A 368 -1.52 -13.72 12.72
N LYS A 369 -1.55 -14.28 11.51
CA LYS A 369 -0.40 -14.14 10.63
C LYS A 369 -0.13 -12.69 10.30
N SER A 370 -1.18 -11.90 10.08
CA SER A 370 -1.01 -10.49 9.76
C SER A 370 -0.39 -9.74 10.92
N ARG A 371 -0.94 -9.91 12.11
CA ARG A 371 -0.43 -9.19 13.28
C ARG A 371 1.00 -9.60 13.59
N PHE A 372 1.33 -10.88 13.39
CA PHE A 372 2.69 -11.30 13.70
C PHE A 372 3.69 -10.88 12.63
N TRP A 373 3.26 -10.82 11.36
CA TRP A 373 4.11 -10.19 10.35
C TRP A 373 4.38 -8.73 10.70
N LEU A 374 3.33 -8.02 11.14
CA LEU A 374 3.49 -6.61 11.50
C LEU A 374 4.40 -6.47 12.72
N LEU A 375 4.31 -7.38 13.68
CA LEU A 375 5.15 -7.31 14.86
C LEU A 375 6.60 -7.62 14.53
N LYS A 376 6.83 -8.66 13.72
CA LYS A 376 8.18 -8.97 13.28
C LYS A 376 8.78 -7.82 12.48
N LEU A 377 7.95 -7.10 11.74
CA LEU A 377 8.44 -5.93 11.02
C LEU A 377 8.75 -4.78 11.96
N LEU A 378 7.88 -4.56 12.96
CA LEU A 378 8.11 -3.49 13.92
C LEU A 378 9.37 -3.74 14.73
N PHE A 379 9.69 -5.00 15.01
CA PHE A 379 10.95 -5.30 15.68
C PHE A 379 12.14 -4.98 14.79
N ARG A 380 11.97 -5.09 13.47
CA ARG A 380 13.05 -4.83 12.54
C ARG A 380 13.17 -3.37 12.13
N VAL A 381 12.20 -2.53 12.48
CA VAL A 381 12.30 -1.11 12.17
C VAL A 381 12.77 -0.35 13.41
N PHE A 382 12.41 -0.83 14.59
CA PHE A 382 12.80 -0.16 15.82
C PHE A 382 14.20 -0.54 16.28
N THR A 383 14.78 -1.59 15.71
CA THR A 383 16.21 -1.88 15.81
C THR A 383 16.73 -1.89 14.39
N ALA A 384 17.02 -0.70 13.86
CA ALA A 384 17.18 -0.51 12.43
C ALA A 384 18.54 -0.91 11.88
N PRO A 385 19.66 -0.40 12.38
CA PRO A 385 20.94 -0.64 11.70
C PRO A 385 21.44 -2.08 11.78
N PHE A 386 20.67 -3.00 12.34
CA PHE A 386 21.10 -4.37 12.48
C PHE A 386 20.48 -5.32 11.47
N HIS A 387 19.45 -4.89 10.73
CA HIS A 387 18.82 -5.71 9.71
C HIS A 387 18.93 -5.04 8.37
N LYS A 388 19.21 -5.83 7.33
CA LYS A 388 19.15 -5.32 5.97
C LYS A 388 17.70 -5.00 5.62
N VAL A 389 17.45 -3.77 5.20
CA VAL A 389 16.09 -3.26 5.08
C VAL A 389 15.56 -3.59 3.69
N GLY A 390 14.31 -4.02 3.63
CA GLY A 390 13.64 -4.27 2.37
C GLY A 390 12.66 -3.15 2.08
N PHE A 391 11.54 -3.48 1.46
CA PHE A 391 10.53 -2.46 1.24
C PHE A 391 9.56 -2.35 2.40
N ALA A 392 9.21 -3.46 3.03
CA ALA A 392 8.23 -3.43 4.11
C ALA A 392 8.73 -2.61 5.29
N ASP A 393 10.01 -2.74 5.63
CA ASP A 393 10.55 -1.98 6.75
C ASP A 393 10.88 -0.54 6.34
N PHE A 394 11.25 -0.31 5.08
CA PHE A 394 11.37 1.06 4.61
C PHE A 394 10.02 1.73 4.49
N TRP A 395 9.01 1.00 4.03
CA TRP A 395 7.68 1.58 3.89
C TRP A 395 7.07 1.87 5.26
N LEU A 396 7.21 0.95 6.22
CA LEU A 396 6.65 1.18 7.54
C LEU A 396 7.34 2.31 8.28
N ALA A 397 8.65 2.47 8.10
CA ALA A 397 9.36 3.57 8.74
C ALA A 397 9.00 4.92 8.14
N ASP A 398 8.49 4.95 6.91
CA ASP A 398 8.05 6.20 6.34
C ASP A 398 6.61 6.53 6.73
N GLN A 399 5.79 5.51 6.98
CA GLN A 399 4.44 5.77 7.48
C GLN A 399 4.47 6.31 8.89
N LEU A 400 5.51 5.98 9.66
CA LEU A 400 5.62 6.48 11.03
C LEU A 400 5.87 7.98 11.07
N ASN A 401 6.43 8.55 10.01
CA ASN A 401 6.63 10.00 9.98
C ASN A 401 5.30 10.74 9.97
N SER A 402 4.27 10.15 9.37
CA SER A 402 2.96 10.77 9.40
C SER A 402 2.24 10.49 10.71
N LEU A 403 2.38 9.28 11.25
CA LEU A 403 1.82 8.95 12.55
C LEU A 403 2.79 9.32 13.67
N SER A 404 3.30 10.54 13.64
CA SER A 404 4.17 11.02 14.69
C SER A 404 3.40 11.61 15.87
N VAL A 405 2.14 12.00 15.65
CA VAL A 405 1.32 12.50 16.74
C VAL A 405 0.83 11.38 17.63
N ILE A 406 0.83 10.14 17.14
CA ILE A 406 0.45 9.01 17.98
C ILE A 406 1.51 8.77 19.06
N LEU A 407 2.79 8.90 18.68
CA LEU A 407 3.85 8.73 19.67
C LEU A 407 3.83 9.84 20.70
N MET A 408 3.63 11.09 20.29
CA MET A 408 3.46 12.18 21.22
C MET A 408 2.20 12.05 22.07
N ASP A 409 1.15 11.43 21.54
CA ASP A 409 -0.03 11.14 22.34
C ASP A 409 0.26 10.10 23.41
N LEU A 410 1.01 9.05 23.07
CA LEU A 410 1.39 8.06 24.08
C LEU A 410 2.27 8.70 25.14
N GLU A 411 3.22 9.53 24.73
CA GLU A 411 4.06 10.23 25.68
C GLU A 411 3.22 11.12 26.60
N TYR A 412 2.27 11.85 26.01
CA TYR A 412 1.41 12.72 26.81
C TYR A 412 0.57 11.92 27.78
N MET A 413 0.03 10.78 27.34
CA MET A 413 -0.81 9.98 28.21
C MET A 413 -0.01 9.41 29.37
N ILE A 414 1.20 8.92 29.09
CA ILE A 414 2.03 8.36 30.16
C ILE A 414 2.42 9.46 31.15
N CYS A 415 2.82 10.62 30.65
CA CYS A 415 3.21 11.71 31.54
C CYS A 415 2.00 12.23 32.32
N PHE A 416 0.82 12.22 31.72
CA PHE A 416 -0.38 12.70 32.38
C PHE A 416 -0.80 11.74 33.49
N TYR A 417 -0.76 10.44 33.21
CA TYR A 417 -1.15 9.47 34.22
C TYR A 417 -0.09 9.30 35.29
N SER A 418 1.15 9.70 35.02
CA SER A 418 2.21 9.55 36.01
C SER A 418 2.45 10.81 36.83
N LEU A 419 2.16 11.99 36.30
CA LEU A 419 2.54 13.22 36.96
C LEU A 419 1.40 14.18 37.25
N GLU A 420 0.28 14.08 36.54
CA GLU A 420 -0.77 15.07 36.70
C GLU A 420 -2.08 14.48 37.18
N LEU A 421 -2.48 13.33 36.66
CA LEU A 421 -3.79 12.77 36.97
C LEU A 421 -3.93 12.52 38.46
N LYS A 422 -4.85 13.25 39.08
CA LYS A 422 -5.15 13.02 40.50
C LYS A 422 -6.00 11.77 40.59
N TRP A 423 -5.38 10.68 41.05
CA TRP A 423 -6.07 9.39 41.06
C TRP A 423 -7.19 9.37 42.09
N ASP A 424 -7.08 10.13 43.17
CA ASP A 424 -8.08 10.09 44.23
C ASP A 424 -9.26 11.03 43.94
N GLU A 425 -9.83 10.91 42.74
CA GLU A 425 -10.95 11.74 42.34
C GLU A 425 -11.48 11.20 41.02
N SER A 426 -12.80 11.23 40.87
CA SER A 426 -13.41 10.54 39.73
C SER A 426 -13.10 11.25 38.42
N LYS A 427 -13.52 12.51 38.30
CA LYS A 427 -13.38 13.25 37.04
C LYS A 427 -11.97 13.83 36.89
N GLY A 428 -10.99 12.94 36.96
CA GLY A 428 -9.60 13.36 36.81
C GLY A 428 -9.23 13.69 35.38
N LEU A 429 -9.92 13.08 34.41
CA LEU A 429 -9.59 13.34 33.01
C LEU A 429 -9.86 14.79 32.66
N LEU A 430 -10.85 15.41 33.27
CA LEU A 430 -11.23 16.80 33.01
C LEU A 430 -11.03 17.60 34.28
N PRO A 431 -9.82 18.05 34.56
CA PRO A 431 -9.59 18.83 35.78
C PRO A 431 -10.24 20.20 35.71
N ASN A 432 -10.10 20.98 36.79
CA ASN A 432 -10.72 22.28 36.87
C ASN A 432 -10.14 23.23 35.82
N ASN A 433 -10.86 24.31 35.57
CA ASN A 433 -10.37 25.32 34.63
C ASN A 433 -9.06 25.93 35.11
N SER A 434 -8.87 25.99 36.43
CA SER A 434 -7.61 26.43 37.01
C SER A 434 -6.60 25.31 36.81
N GLU A 435 -6.11 25.24 35.57
CA GLU A 435 -5.25 24.15 35.10
C GLU A 435 -3.98 24.77 34.52
N GLU A 436 -3.33 25.58 35.36
CA GLU A 436 -2.11 26.28 35.00
C GLU A 436 -1.10 25.30 34.43
N SER A 437 -0.04 25.80 33.81
CA SER A 437 0.62 25.18 32.67
C SER A 437 0.55 23.66 32.68
N GLY A 438 0.82 23.03 33.82
CA GLY A 438 0.58 21.61 33.87
C GLY A 438 1.55 20.83 33.01
N ILE A 439 2.79 20.70 33.47
CA ILE A 439 3.87 20.08 32.71
C ILE A 439 3.42 18.70 32.23
N CYS A 440 4.10 18.17 31.21
CA CYS A 440 3.72 17.11 30.29
C CYS A 440 2.88 17.66 29.16
N HIS A 441 2.59 18.95 29.16
CA HIS A 441 1.92 19.59 28.04
C HIS A 441 2.90 20.21 27.05
N LYS A 442 4.16 20.39 27.43
CA LYS A 442 5.12 21.14 26.63
C LYS A 442 6.43 20.36 26.60
N TYR A 443 7.49 21.03 26.15
CA TYR A 443 8.84 20.44 26.14
C TYR A 443 9.36 20.42 27.57
N THR A 444 9.01 19.34 28.28
CA THR A 444 9.38 19.19 29.68
C THR A 444 10.89 19.36 29.87
N TYR A 445 11.66 18.46 29.26
CA TYR A 445 13.10 18.57 29.28
C TYR A 445 13.72 18.20 27.93
N GLY A 446 12.93 18.18 26.87
CA GLY A 446 13.37 17.71 25.57
C GLY A 446 12.82 16.36 25.19
N VAL A 447 11.96 15.76 26.02
CA VAL A 447 11.43 14.44 25.71
C VAL A 447 10.50 14.51 24.51
N ARG A 448 9.70 15.57 24.42
CA ARG A 448 8.79 15.71 23.28
C ARG A 448 9.55 15.78 21.97
N ALA A 449 10.66 16.53 21.94
CA ALA A 449 11.45 16.62 20.73
C ALA A 449 12.04 15.26 20.34
N ILE A 450 12.45 14.47 21.34
CA ILE A 450 13.02 13.16 21.06
C ILE A 450 11.96 12.22 20.51
N VAL A 451 10.78 12.20 21.12
CA VAL A 451 9.70 11.38 20.59
C VAL A 451 9.30 11.83 19.19
N GLN A 452 9.45 13.13 18.90
CA GLN A 452 9.21 13.62 17.55
C GLN A 452 10.23 13.05 16.58
N CYS A 453 11.51 13.14 16.93
CA CYS A 453 12.58 12.72 16.04
C CYS A 453 12.75 11.21 15.96
N ILE A 454 12.04 10.44 16.79
CA ILE A 454 12.20 8.98 16.76
C ILE A 454 12.02 8.38 15.37
N PRO A 455 10.91 8.62 14.65
CA PRO A 455 10.78 7.99 13.32
C PRO A 455 11.72 8.58 12.28
N ALA A 456 12.02 9.88 12.37
CA ALA A 456 13.05 10.46 11.52
C ALA A 456 14.40 9.80 11.79
N TRP A 457 14.71 9.53 13.05
CA TRP A 457 15.95 8.83 13.38
C TRP A 457 15.94 7.43 12.80
N LEU A 458 14.81 6.73 12.90
CA LEU A 458 14.71 5.38 12.32
C LEU A 458 15.02 5.41 10.84
N ARG A 459 14.36 6.29 10.09
CA ARG A 459 14.58 6.33 8.65
C ARG A 459 15.99 6.80 8.31
N PHE A 460 16.56 7.71 9.11
CA PHE A 460 17.91 8.18 8.85
C PHE A 460 18.93 7.05 8.99
N ILE A 461 18.84 6.30 10.09
CA ILE A 461 19.78 5.21 10.29
C ILE A 461 19.50 4.07 9.30
N GLN A 462 18.25 3.92 8.85
CA GLN A 462 17.96 2.92 7.84
C GLN A 462 18.62 3.29 6.50
N CYS A 463 18.55 4.56 6.12
CA CYS A 463 19.22 4.98 4.89
C CYS A 463 20.72 4.84 5.03
N LEU A 464 21.27 5.08 6.22
CA LEU A 464 22.69 4.85 6.43
C LEU A 464 23.04 3.38 6.25
N ARG A 465 22.20 2.48 6.77
CA ARG A 465 22.44 1.06 6.56
C ARG A 465 22.36 0.69 5.08
N ARG A 466 21.42 1.30 4.35
CA ARG A 466 21.33 1.05 2.93
C ARG A 466 22.58 1.50 2.19
N TYR A 467 23.12 2.67 2.57
CA TYR A 467 24.37 3.12 1.98
C TYR A 467 25.51 2.16 2.28
N ARG A 468 25.56 1.65 3.52
CA ARG A 468 26.62 0.73 3.88
C ARG A 468 26.49 -0.59 3.12
N ASP A 469 25.26 -1.01 2.85
CA ASP A 469 25.06 -2.31 2.21
C ASP A 469 25.28 -2.24 0.70
N THR A 470 24.68 -1.25 0.04
CA THR A 470 24.74 -1.14 -1.40
C THR A 470 26.00 -0.46 -1.91
N LYS A 471 26.61 0.35 -1.05
CA LYS A 471 27.84 1.05 -1.44
C LYS A 471 27.47 2.16 -2.42
N ARG A 472 26.23 2.14 -2.90
CA ARG A 472 25.76 3.25 -3.78
C ARG A 472 25.55 4.47 -2.89
N ALA A 473 25.51 5.67 -3.46
CA ALA A 473 25.43 6.86 -2.58
C ALA A 473 24.25 7.74 -2.93
N PHE A 474 23.97 7.97 -4.21
CA PHE A 474 22.94 8.94 -4.53
C PHE A 474 21.62 8.65 -3.81
N PRO A 475 20.98 7.49 -4.03
CA PRO A 475 19.62 7.33 -3.48
C PRO A 475 19.59 7.22 -1.96
N HIS A 476 20.73 6.99 -1.32
CA HIS A 476 20.75 6.70 0.11
C HIS A 476 21.36 7.81 0.96
N LEU A 477 22.50 8.35 0.57
CA LEU A 477 23.11 9.44 1.33
C LEU A 477 22.23 10.69 1.27
N VAL A 478 21.84 11.09 0.07
CA VAL A 478 20.62 11.87 -0.05
C VAL A 478 19.45 10.94 0.23
N ASN A 479 18.41 11.47 0.86
CA ASN A 479 17.36 10.76 1.59
C ASN A 479 17.83 10.41 3.00
N ALA A 480 19.07 10.70 3.35
CA ALA A 480 19.48 10.73 4.74
C ALA A 480 19.49 12.15 5.30
N GLY A 481 19.77 13.14 4.46
CA GLY A 481 19.59 14.53 4.85
C GLY A 481 18.14 14.94 4.94
N LYS A 482 17.26 14.21 4.26
CA LYS A 482 15.83 14.52 4.34
C LYS A 482 15.33 14.44 5.78
N TYR A 483 15.85 13.49 6.56
CA TYR A 483 15.47 13.35 7.95
C TYR A 483 16.40 14.08 8.89
N SER A 484 17.63 14.36 8.47
CA SER A 484 18.48 15.26 9.23
C SER A 484 17.88 16.66 9.29
N THR A 485 17.18 17.07 8.24
CA THR A 485 16.51 18.36 8.27
C THR A 485 15.37 18.35 9.28
N THR A 486 14.67 17.23 9.43
CA THR A 486 13.66 17.11 10.47
C THR A 486 14.30 17.17 11.85
N PHE A 487 15.45 16.51 12.01
CA PHE A 487 16.24 16.65 13.23
C PHE A 487 16.43 18.11 13.59
N PHE A 488 16.99 18.88 12.65
CA PHE A 488 17.30 20.27 12.92
C PHE A 488 16.04 21.09 13.20
N MET A 489 14.98 20.84 12.44
CA MET A 489 13.75 21.60 12.61
C MET A 489 13.15 21.38 13.99
N VAL A 490 13.09 20.13 14.43
CA VAL A 490 12.52 19.85 15.74
C VAL A 490 13.43 20.38 16.85
N THR A 491 14.75 20.30 16.65
CA THR A 491 15.68 20.86 17.62
C THR A 491 15.45 22.35 17.80
N PHE A 492 15.28 23.07 16.69
CA PHE A 492 15.07 24.51 16.79
C PHE A 492 13.69 24.85 17.34
N ALA A 493 12.68 24.03 17.04
CA ALA A 493 11.39 24.18 17.70
C ALA A 493 11.53 24.08 19.21
N ALA A 494 12.21 23.02 19.67
CA ALA A 494 12.40 22.83 21.10
C ALA A 494 13.14 23.99 21.73
N LEU A 495 14.25 24.40 21.12
CA LEU A 495 15.03 25.50 21.65
C LEU A 495 14.21 26.78 21.73
N TYR A 496 13.48 27.10 20.66
CA TYR A 496 12.72 28.34 20.64
C TYR A 496 11.62 28.34 21.68
N SER A 497 10.85 27.25 21.77
CA SER A 497 9.75 27.23 22.71
C SER A 497 10.23 27.18 24.15
N THR A 498 11.34 26.49 24.42
CA THR A 498 11.87 26.46 25.77
C THR A 498 12.60 27.75 26.14
N HIS A 499 13.03 28.54 25.15
CA HIS A 499 13.56 29.86 25.45
C HIS A 499 12.43 30.84 25.73
N LYS A 500 11.38 30.80 24.91
CA LYS A 500 10.26 31.71 25.10
C LYS A 500 9.51 31.40 26.39
N GLU A 501 9.39 30.12 26.74
CA GLU A 501 8.71 29.78 27.98
C GLU A 501 9.46 30.31 29.19
N ARG A 502 10.79 30.36 29.10
CA ARG A 502 11.59 31.03 30.10
C ARG A 502 11.86 32.48 29.77
N GLY A 503 11.39 32.95 28.61
CA GLY A 503 11.44 34.37 28.28
C GLY A 503 12.82 34.97 28.26
N HIS A 504 13.85 34.15 28.05
CA HIS A 504 15.21 34.66 28.03
C HIS A 504 15.50 35.34 26.69
N SER A 505 16.75 35.72 26.48
CA SER A 505 17.15 36.40 25.26
C SER A 505 17.36 35.39 24.13
N ASP A 506 17.78 35.89 22.97
CA ASP A 506 18.04 35.08 21.78
C ASP A 506 16.84 34.26 21.34
N THR A 507 15.63 34.71 21.69
CA THR A 507 14.44 33.96 21.35
C THR A 507 14.09 34.10 19.88
N MET A 508 13.92 35.34 19.41
CA MET A 508 13.48 35.55 18.03
C MET A 508 14.46 34.96 17.03
N VAL A 509 15.72 34.83 17.42
CA VAL A 509 16.70 34.18 16.55
C VAL A 509 16.31 32.72 16.32
N PHE A 510 15.85 32.05 17.36
CA PHE A 510 15.39 30.69 17.22
C PHE A 510 13.98 30.60 16.64
N PHE A 511 13.34 31.74 16.38
CA PHE A 511 12.20 31.76 15.49
C PHE A 511 12.64 31.84 14.04
N TYR A 512 13.63 32.67 13.76
CA TYR A 512 14.17 32.76 12.41
C TYR A 512 14.75 31.43 11.97
N LEU A 513 15.48 30.75 12.85
CA LEU A 513 16.10 29.49 12.48
C LEU A 513 15.05 28.40 12.30
N TRP A 514 14.04 28.38 13.16
CA TRP A 514 12.90 27.50 12.94
C TRP A 514 12.26 27.73 11.57
N ILE A 515 12.07 29.00 11.21
CA ILE A 515 11.46 29.31 9.92
C ILE A 515 12.31 28.80 8.77
N VAL A 516 13.61 29.11 8.79
CA VAL A 516 14.45 28.74 7.65
C VAL A 516 14.59 27.22 7.55
N PHE A 517 14.65 26.52 8.68
CA PHE A 517 14.79 25.08 8.59
C PHE A 517 13.48 24.39 8.25
N TYR A 518 12.33 24.98 8.58
CA TYR A 518 11.10 24.40 8.06
C TYR A 518 10.96 24.66 6.57
N ILE A 519 11.40 25.82 6.08
CA ILE A 519 11.44 26.05 4.64
C ILE A 519 12.30 24.99 3.97
N ILE A 520 13.50 24.75 4.50
CA ILE A 520 14.40 23.79 3.90
C ILE A 520 13.82 22.38 3.97
N SER A 521 13.20 22.02 5.10
CA SER A 521 12.63 20.70 5.23
C SER A 521 11.50 20.48 4.24
N SER A 522 10.61 21.45 4.10
CA SER A 522 9.48 21.29 3.20
C SER A 522 9.94 21.28 1.74
N CYS A 523 10.94 22.08 1.39
CA CYS A 523 11.44 22.06 0.02
C CYS A 523 12.18 20.76 -0.27
N TYR A 524 12.89 20.22 0.72
CA TYR A 524 13.60 18.96 0.55
C TYR A 524 12.61 17.81 0.37
N THR A 525 11.61 17.72 1.25
CA THR A 525 10.67 16.63 1.17
C THR A 525 9.74 16.75 -0.03
N LEU A 526 9.46 17.97 -0.48
CA LEU A 526 8.55 18.15 -1.59
C LEU A 526 9.18 17.71 -2.91
N ILE A 527 10.45 18.08 -3.15
CA ILE A 527 11.09 17.68 -4.38
C ILE A 527 11.44 16.19 -4.35
N TRP A 528 11.61 15.62 -3.17
CA TRP A 528 11.84 14.18 -3.09
C TRP A 528 10.55 13.39 -3.21
N ASP A 529 9.44 13.93 -2.70
CA ASP A 529 8.15 13.28 -2.89
C ASP A 529 7.83 13.16 -4.37
N LEU A 530 8.01 14.24 -5.11
CA LEU A 530 7.58 14.26 -6.51
C LEU A 530 8.58 13.58 -7.43
N LYS A 531 9.87 13.88 -7.26
CA LYS A 531 10.86 13.40 -8.23
C LYS A 531 11.24 11.95 -7.97
N MET A 532 11.75 11.65 -6.78
CA MET A 532 12.33 10.34 -6.53
C MET A 532 11.35 9.33 -5.94
N ASP A 533 10.33 9.79 -5.22
CA ASP A 533 9.36 8.85 -4.67
C ASP A 533 8.26 8.53 -5.67
N TRP A 534 7.71 9.56 -6.31
CA TRP A 534 6.61 9.36 -7.25
C TRP A 534 7.08 9.17 -8.67
N GLY A 535 8.29 9.60 -9.01
CA GLY A 535 8.80 9.47 -10.35
C GLY A 535 8.34 10.53 -11.32
N LEU A 536 7.46 11.42 -10.90
CA LEU A 536 6.94 12.45 -11.80
C LEU A 536 8.06 13.39 -12.22
N PHE A 537 7.76 14.23 -13.22
CA PHE A 537 8.70 15.21 -13.75
C PHE A 537 9.95 14.53 -14.30
N ASP A 538 9.76 13.68 -15.30
CA ASP A 538 10.89 13.07 -16.00
C ASP A 538 10.91 13.55 -17.45
N LYS A 539 12.09 13.43 -18.06
CA LYS A 539 12.30 13.98 -19.39
C LYS A 539 11.52 13.22 -20.45
N ASN A 540 11.11 11.98 -20.17
CA ASN A 540 10.38 11.17 -21.14
C ASN A 540 8.88 11.18 -20.88
N ALA A 541 8.35 12.33 -20.44
CA ALA A 541 6.93 12.40 -20.11
C ALA A 541 6.06 12.14 -21.33
N GLY A 542 6.38 12.77 -22.45
CA GLY A 542 5.59 12.57 -23.65
C GLY A 542 4.29 13.35 -23.57
N GLU A 543 3.19 12.68 -23.93
CA GLU A 543 1.90 13.36 -23.98
C GLU A 543 1.40 13.71 -22.59
N ASN A 544 1.65 12.84 -21.61
CA ASN A 544 1.27 13.09 -20.22
C ASN A 544 2.25 14.13 -19.66
N THR A 545 1.94 15.40 -19.91
CA THR A 545 2.85 16.47 -19.55
C THR A 545 2.93 16.61 -18.03
N PHE A 546 4.14 16.86 -17.53
CA PHE A 546 4.46 16.96 -16.11
C PHE A 546 4.32 15.64 -15.38
N LEU A 547 4.13 14.53 -16.08
CA LEU A 547 3.92 13.23 -15.47
C LEU A 547 5.01 12.27 -15.90
N ARG A 548 4.83 11.00 -15.54
CA ARG A 548 5.76 9.95 -15.92
C ARG A 548 5.55 9.57 -17.39
N GLU A 549 6.31 8.58 -17.84
CA GLU A 549 6.05 8.03 -19.16
C GLU A 549 4.78 7.19 -19.14
N GLU A 550 4.75 6.16 -18.31
CA GLU A 550 3.61 5.26 -18.20
C GLU A 550 2.91 5.50 -16.87
N ILE A 551 1.63 5.85 -16.93
CA ILE A 551 0.82 6.08 -15.75
C ILE A 551 -0.12 4.90 -15.58
N VAL A 552 -0.23 4.41 -14.35
CA VAL A 552 -1.05 3.23 -14.08
C VAL A 552 -2.45 3.62 -13.66
N TYR A 553 -2.59 4.62 -12.81
CA TYR A 553 -3.91 5.03 -12.37
C TYR A 553 -4.67 5.66 -13.52
N PRO A 554 -5.97 5.39 -13.65
CA PRO A 554 -6.67 5.69 -14.90
C PRO A 554 -6.63 7.14 -15.33
N GLN A 555 -7.13 8.04 -14.49
CA GLN A 555 -7.29 9.43 -14.89
C GLN A 555 -5.99 10.21 -14.68
N LYS A 556 -5.72 11.13 -15.60
CA LYS A 556 -4.59 12.03 -15.45
C LYS A 556 -4.85 13.12 -14.42
N ALA A 557 -6.11 13.41 -14.13
CA ALA A 557 -6.43 14.44 -13.16
C ALA A 557 -6.04 14.04 -11.74
N TYR A 558 -5.97 12.74 -11.46
CA TYR A 558 -5.52 12.30 -10.14
C TYR A 558 -4.12 12.79 -9.83
N TYR A 559 -3.23 12.75 -10.82
CA TYR A 559 -1.83 13.08 -10.58
C TYR A 559 -1.63 14.56 -10.32
N TYR A 560 -2.33 15.42 -11.06
CA TYR A 560 -2.16 16.86 -10.87
C TYR A 560 -2.74 17.31 -9.53
N CYS A 561 -3.93 16.79 -9.19
CA CYS A 561 -4.49 17.08 -7.88
C CYS A 561 -3.59 16.56 -6.77
N ALA A 562 -2.97 15.39 -6.97
CA ALA A 562 -2.06 14.86 -5.98
C ALA A 562 -0.84 15.75 -5.82
N ILE A 563 -0.32 16.26 -6.93
CA ILE A 563 0.83 17.17 -6.86
C ILE A 563 0.46 18.40 -6.04
N ILE A 564 -0.68 19.01 -6.35
CA ILE A 564 -1.06 20.24 -5.66
C ILE A 564 -1.32 19.97 -4.18
N GLU A 565 -1.98 18.85 -3.88
CA GLU A 565 -2.28 18.52 -2.49
C GLU A 565 -1.02 18.22 -1.70
N ASP A 566 -0.03 17.58 -2.34
CA ASP A 566 1.23 17.33 -1.66
C ASP A 566 2.01 18.61 -1.44
N VAL A 567 1.91 19.56 -2.39
CA VAL A 567 2.52 20.86 -2.18
C VAL A 567 1.89 21.55 -0.98
N ILE A 568 0.57 21.49 -0.87
CA ILE A 568 -0.11 22.19 0.23
C ILE A 568 0.13 21.46 1.55
N LEU A 569 -0.03 20.14 1.56
CA LEU A 569 0.04 19.39 2.80
C LEU A 569 1.47 19.19 3.30
N ARG A 570 2.48 19.44 2.46
CA ARG A 570 3.84 19.45 2.97
C ARG A 570 4.19 20.79 3.58
N PHE A 571 3.64 21.88 3.05
CA PHE A 571 3.79 23.20 3.65
C PHE A 571 2.65 23.51 4.61
N ALA A 572 2.38 22.59 5.53
CA ALA A 572 1.24 22.79 6.42
C ALA A 572 1.53 23.79 7.52
N TRP A 573 2.80 24.11 7.75
CA TRP A 573 3.17 25.03 8.82
C TRP A 573 2.88 26.48 8.48
N THR A 574 2.72 26.80 7.21
CA THR A 574 2.36 28.16 6.82
C THR A 574 1.05 28.58 7.49
N ILE A 575 0.02 27.76 7.37
CA ILE A 575 -1.28 28.09 7.95
C ILE A 575 -1.18 28.19 9.46
N GLN A 576 -0.45 27.25 10.08
CA GLN A 576 -0.39 27.26 11.53
C GLN A 576 0.38 28.46 12.04
N ILE A 577 1.53 28.76 11.44
CA ILE A 577 2.30 29.92 11.89
C ILE A 577 1.57 31.20 11.57
N SER A 578 0.59 31.06 10.68
CA SER A 578 -0.26 32.24 10.45
C SER A 578 -1.21 32.26 11.64
N ILE A 579 -1.88 31.15 11.87
CA ILE A 579 -2.90 31.18 12.93
C ILE A 579 -2.15 31.50 14.21
N THR A 580 -1.01 30.87 14.36
CA THR A 580 -0.35 31.08 15.66
C THR A 580 -0.04 32.56 15.74
N SER A 581 0.35 33.15 14.61
CA SER A 581 0.74 34.57 14.65
C SER A 581 -0.52 35.38 14.88
N THR A 582 -1.64 34.90 14.34
CA THR A 582 -2.91 35.60 14.63
C THR A 582 -3.01 35.43 16.13
N THR A 583 -2.64 34.24 16.62
CA THR A 583 -2.58 34.14 18.09
C THR A 583 -3.96 34.43 18.65
N LEU A 584 -4.05 35.35 19.62
CA LEU A 584 -5.33 35.64 20.33
C LEU A 584 -5.44 34.71 21.53
N LEU A 585 -6.56 34.78 22.25
CA LEU A 585 -6.70 34.02 23.52
C LEU A 585 -7.05 32.54 23.30
N PRO A 586 -7.91 32.14 22.35
CA PRO A 586 -8.30 30.73 22.27
C PRO A 586 -7.10 29.79 22.35
N HIS A 587 -7.28 28.60 22.93
CA HIS A 587 -6.12 27.67 22.85
C HIS A 587 -6.00 27.38 21.36
N SER A 588 -4.79 27.42 20.83
CA SER A 588 -4.68 27.30 19.35
C SER A 588 -3.70 26.21 18.98
N GLY A 589 -2.44 26.42 19.30
CA GLY A 589 -1.50 25.43 18.83
C GLY A 589 -2.09 24.03 18.83
N ASP A 590 -2.88 23.71 19.85
CA ASP A 590 -3.47 22.38 19.93
C ASP A 590 -4.57 22.21 18.89
N ILE A 591 -5.37 23.25 18.65
CA ILE A 591 -6.35 23.18 17.56
C ILE A 591 -5.63 23.02 16.23
N ILE A 592 -4.53 23.73 16.06
CA ILE A 592 -3.71 23.60 14.86
C ILE A 592 -3.29 22.14 14.66
N ALA A 593 -2.74 21.53 15.71
CA ALA A 593 -2.26 20.16 15.60
C ALA A 593 -3.41 19.20 15.33
N THR A 594 -4.55 19.43 15.97
CA THR A 594 -5.70 18.53 15.78
C THR A 594 -6.25 18.61 14.37
N VAL A 595 -6.22 19.80 13.76
CA VAL A 595 -6.71 19.90 12.39
C VAL A 595 -5.66 19.43 11.38
N PHE A 596 -4.38 19.53 11.71
CA PHE A 596 -3.34 19.21 10.75
C PHE A 596 -2.85 17.77 10.83
N ALA A 597 -3.18 17.03 11.89
CA ALA A 597 -2.75 15.63 11.95
C ALA A 597 -3.51 14.75 10.98
N PRO A 598 -4.85 14.79 10.90
CA PRO A 598 -5.52 14.01 9.84
C PRO A 598 -5.16 14.45 8.45
N LEU A 599 -4.83 15.74 8.26
CA LEU A 599 -4.35 16.18 6.96
C LEU A 599 -3.01 15.52 6.61
N GLU A 600 -2.15 15.33 7.61
CA GLU A 600 -0.89 14.66 7.36
C GLU A 600 -1.10 13.17 7.07
N VAL A 601 -2.04 12.54 7.78
CA VAL A 601 -2.33 11.13 7.49
C VAL A 601 -2.91 11.00 6.09
N PHE A 602 -3.71 11.98 5.66
CA PHE A 602 -4.24 11.96 4.31
C PHE A 602 -3.15 12.18 3.28
N ARG A 603 -2.17 13.03 3.61
CA ARG A 603 -1.03 13.21 2.71
C ARG A 603 -0.25 11.91 2.56
N ARG A 604 -0.07 11.17 3.66
CA ARG A 604 0.59 9.87 3.56
C ARG A 604 -0.24 8.90 2.74
N PHE A 605 -1.56 8.96 2.89
CA PHE A 605 -2.44 8.11 2.08
C PHE A 605 -2.28 8.40 0.59
N VAL A 606 -2.18 9.67 0.23
CA VAL A 606 -1.94 10.03 -1.17
C VAL A 606 -0.56 9.58 -1.63
N TRP A 607 0.46 9.78 -0.79
CA TRP A 607 1.82 9.42 -1.14
C TRP A 607 2.00 7.91 -1.36
N ASN A 608 1.25 7.10 -0.61
CA ASN A 608 1.38 5.64 -0.74
C ASN A 608 1.07 5.17 -2.15
N PHE A 609 -0.01 5.68 -2.73
CA PHE A 609 -0.42 5.31 -4.08
C PHE A 609 0.74 5.43 -5.06
N PHE A 610 1.32 6.62 -5.14
CA PHE A 610 2.29 6.89 -6.18
C PHE A 610 3.67 6.34 -5.86
N ARG A 611 4.00 6.18 -4.57
CA ARG A 611 5.21 5.43 -4.24
C ARG A 611 5.11 3.99 -4.70
N LEU A 612 3.99 3.32 -4.39
CA LEU A 612 3.83 1.94 -4.80
C LEU A 612 3.77 1.81 -6.31
N GLU A 613 3.17 2.80 -6.98
CA GLU A 613 3.12 2.76 -8.43
C GLU A 613 4.52 2.88 -9.04
N ASN A 614 5.31 3.82 -8.53
CA ASN A 614 6.69 3.97 -9.00
C ASN A 614 7.47 2.69 -8.77
N GLU A 615 7.25 2.04 -7.64
CA GLU A 615 7.96 0.80 -7.35
C GLU A 615 7.56 -0.31 -8.30
N HIS A 616 6.25 -0.44 -8.56
CA HIS A 616 5.78 -1.53 -9.43
C HIS A 616 6.19 -1.30 -10.88
N LEU A 617 6.28 -0.05 -11.31
CA LEU A 617 6.64 0.22 -12.70
C LEU A 617 8.05 -0.27 -13.01
N ASN A 618 8.93 -0.33 -12.02
CA ASN A 618 10.23 -0.91 -12.25
C ASN A 618 10.16 -2.42 -12.37
N ASN A 619 9.27 -3.07 -11.60
CA ASN A 619 9.07 -4.51 -11.74
C ASN A 619 8.36 -4.85 -13.04
N CYS A 620 7.72 -3.86 -13.68
CA CYS A 620 7.08 -4.07 -14.97
C CYS A 620 8.07 -4.14 -16.12
N GLY A 621 9.26 -3.55 -15.97
CA GLY A 621 10.23 -3.57 -17.05
C GLY A 621 10.95 -4.89 -17.19
N GLU A 622 11.20 -5.57 -16.08
CA GLU A 622 11.85 -6.88 -16.11
C GLU A 622 10.85 -8.03 -15.99
N PHE A 623 9.55 -7.73 -15.99
CA PHE A 623 8.50 -8.75 -15.97
C PHE A 623 8.67 -9.70 -14.79
N ARG A 624 8.61 -9.13 -13.59
CA ARG A 624 8.77 -9.88 -12.35
C ARG A 624 7.40 -10.18 -11.77
N ALA A 625 7.02 -11.45 -11.75
CA ALA A 625 5.79 -11.87 -11.11
C ALA A 625 6.00 -12.59 -9.79
N VAL A 626 7.24 -12.98 -9.48
CA VAL A 626 7.57 -13.68 -8.26
C VAL A 626 8.75 -12.98 -7.59
N ARG A 627 9.03 -13.37 -6.36
CA ARG A 627 9.99 -12.66 -5.53
C ARG A 627 11.43 -13.02 -5.82
N ASP A 628 11.71 -14.10 -6.54
CA ASP A 628 13.06 -14.62 -6.71
C ASP A 628 13.68 -14.87 -5.34
N ILE A 629 13.08 -15.83 -4.63
CA ILE A 629 13.52 -16.15 -3.28
C ILE A 629 14.95 -16.66 -3.31
N SER A 630 15.79 -16.09 -2.46
CA SER A 630 17.17 -16.54 -2.33
C SER A 630 17.21 -17.91 -1.68
N VAL A 631 18.41 -18.48 -1.58
CA VAL A 631 18.59 -19.82 -1.05
C VAL A 631 19.84 -19.81 -0.16
N ALA A 632 20.09 -20.94 0.48
CA ALA A 632 21.22 -21.10 1.41
C ALA A 632 21.20 -20.05 2.50
P PO4 B . 6.78 15.56 8.19
O1 PO4 B . 5.28 15.74 8.26
O2 PO4 B . 7.40 16.76 7.53
O3 PO4 B . 7.33 15.41 9.58
O4 PO4 B . 7.10 14.32 7.39
P PO4 C . 7.13 18.34 12.97
O1 PO4 C . 6.13 17.44 13.67
O2 PO4 C . 7.11 19.70 13.61
O3 PO4 C . 8.52 17.74 13.10
O4 PO4 C . 6.76 18.44 11.51
#